data_6M6Y
#
_entry.id   6M6Y
#
_cell.length_a   191.909
_cell.length_b   37.100
_cell.length_c   44.730
_cell.angle_alpha   90.000
_cell.angle_beta   90.000
_cell.angle_gamma   90.000
#
_symmetry.space_group_name_H-M   'P 21 21 2'
#
loop_
_entity.id
_entity.type
_entity.pdbx_description
1 polymer 'Hydrolase, NUDIX family protein'
2 non-polymer "8-OXO-2'-DEOXYGUANOSINE-5'-TRIPHOSPHATE"
3 non-polymer 'PYROPHOSPHATE 2-'
4 non-polymer 'PHOSPHATE ION'
5 non-polymer 1,2-ETHANEDIOL
6 non-polymer 'MAGNESIUM ION'
7 water water
#
_entity_poly.entity_id   1
_entity_poly.type   'polypeptide(L)'
_entity_poly.pdbx_seq_one_letter_code
;MGSSHHHHHHSSGLVPRGSHMMPVDDLQEIPLSKDTTEKSKHTVRAAGAVLWRDASEHGGTTGHPATVEVAVIHRPRYDD
WSLPKGKLDQGETEPVAAAREIHEETGHTAVLGRRLGRVTYPIPQGTKRVWYWAAKSTGGDFSPNDEVDKLVWLPVDAAM
DQLQYPDDRKVLRRFVKRPVDTKTVLVVRHGTAGRRSRYKGDDRKRPLDKRGRAQAEALVAQLMAFGATTLYAADRVRCH
QTIEPLAQELDQLIHNEPLLTEEAYAADHKAARKRLLEIAGRPGNPVICTQGKVIPGLIEWWCERAKVRPETTGNRKGST
WVLSLSDGELVGADYLSPPDEK
;
_entity_poly.pdbx_strand_id   A
#
# COMPACT_ATOMS: atom_id res chain seq x y z
N HIS A 42 -24.57 9.05 -2.79
CA HIS A 42 -25.22 7.81 -2.28
C HIS A 42 -24.17 6.82 -1.74
N THR A 43 -23.02 6.68 -2.39
CA THR A 43 -21.92 5.80 -1.89
C THR A 43 -20.81 6.67 -1.29
N VAL A 44 -20.58 6.56 0.02
CA VAL A 44 -19.50 7.30 0.76
C VAL A 44 -18.28 6.40 0.86
N ARG A 45 -17.15 6.89 0.38
CA ARG A 45 -15.90 6.09 0.32
C ARG A 45 -15.02 6.46 1.49
N ALA A 46 -14.58 5.43 2.19
CA ALA A 46 -13.71 5.56 3.38
C ALA A 46 -12.57 4.55 3.32
N ALA A 47 -11.61 4.73 4.21
CA ALA A 47 -10.50 3.78 4.35
C ALA A 47 -10.14 3.72 5.81
N GLY A 48 -9.60 2.60 6.23
CA GLY A 48 -9.17 2.46 7.62
C GLY A 48 -8.26 1.29 7.81
N ALA A 49 -8.06 0.88 9.06
CA ALA A 49 -7.03 -0.10 9.36
C ALA A 49 -7.35 -0.93 10.60
N VAL A 50 -6.83 -2.12 10.61
CA VAL A 50 -6.53 -2.84 11.87
C VAL A 50 -5.13 -2.41 12.29
N LEU A 51 -5.08 -1.42 13.19
CA LEU A 51 -3.81 -0.95 13.79
C LEU A 51 -3.40 -1.97 14.82
N TRP A 52 -2.17 -2.42 14.79
CA TRP A 52 -1.64 -3.41 15.73
C TRP A 52 -0.28 -2.93 16.23
N ARG A 53 0.09 -3.45 17.36
CA ARG A 53 1.42 -3.18 17.92
C ARG A 53 1.97 -4.47 18.48
N ASP A 54 3.27 -4.42 18.54
CA ASP A 54 4.01 -5.53 19.12
C ASP A 54 4.13 -5.13 20.57
N ALA A 55 3.50 -5.87 21.46
CA ALA A 55 3.55 -5.52 22.89
C ALA A 55 4.79 -6.08 23.59
N SER A 56 5.73 -6.66 22.88
CA SER A 56 6.93 -7.20 23.55
C SER A 56 8.01 -6.11 23.63
N ALA A 66 6.97 -10.94 17.97
CA ALA A 66 6.02 -9.86 18.31
C ALA A 66 4.74 -10.44 18.92
N THR A 67 4.26 -9.84 20.02
CA THR A 67 2.98 -10.14 20.71
C THR A 67 1.98 -9.13 20.12
N VAL A 68 1.03 -9.65 19.39
CA VAL A 68 0.14 -8.78 18.58
C VAL A 68 -1.02 -8.36 19.48
N GLU A 69 -1.18 -7.07 19.65
CA GLU A 69 -2.40 -6.46 20.19
C GLU A 69 -2.97 -5.56 19.10
N VAL A 70 -4.29 -5.53 18.98
N VAL A 70 -4.30 -5.54 19.02
CA VAL A 70 -4.92 -4.60 18.02
CA VAL A 70 -5.06 -4.71 18.05
C VAL A 70 -5.67 -3.52 18.78
C VAL A 70 -5.71 -3.53 18.79
N ALA A 71 -5.76 -2.35 18.18
CA ALA A 71 -6.40 -1.16 18.73
C ALA A 71 -7.89 -1.19 18.44
N VAL A 72 -8.72 -0.93 19.44
CA VAL A 72 -10.18 -0.74 19.22
C VAL A 72 -10.58 0.59 19.82
N ILE A 73 -11.25 1.43 19.05
CA ILE A 73 -11.60 2.79 19.48
C ILE A 73 -13.06 2.85 19.87
N HIS A 74 -13.32 3.73 20.83
CA HIS A 74 -14.68 4.01 21.32
C HIS A 74 -15.09 5.43 20.93
N ARG A 75 -16.29 5.59 20.36
CA ARG A 75 -16.83 6.89 19.93
C ARG A 75 -18.06 7.22 20.78
N PRO A 76 -18.03 8.32 21.57
CA PRO A 76 -19.18 8.70 22.39
C PRO A 76 -20.45 8.97 21.60
N ARG A 77 -20.31 9.51 20.39
CA ARG A 77 -21.51 9.83 19.60
C ARG A 77 -22.44 8.60 19.54
N TYR A 78 -21.91 7.47 19.16
CA TYR A 78 -22.75 6.27 19.03
C TYR A 78 -22.59 5.35 20.24
N ASP A 79 -21.63 5.61 21.11
CA ASP A 79 -21.27 4.64 22.16
C ASP A 79 -21.01 3.27 21.51
N ASP A 80 -20.01 3.24 20.63
CA ASP A 80 -19.64 2.00 19.93
C ASP A 80 -18.13 1.78 19.94
N TRP A 81 -17.74 0.54 19.70
CA TRP A 81 -16.33 0.11 19.60
C TRP A 81 -16.13 -0.31 18.15
N SER A 82 -15.12 0.23 17.50
CA SER A 82 -14.91 -0.04 16.05
C SER A 82 -13.43 0.12 15.68
N LEU A 83 -13.15 0.03 14.39
CA LEU A 83 -11.77 0.20 13.86
C LEU A 83 -11.60 1.59 13.34
N PRO A 84 -10.40 2.16 13.47
CA PRO A 84 -10.17 3.49 12.94
C PRO A 84 -10.33 3.56 11.42
N LYS A 85 -10.98 4.61 10.97
CA LYS A 85 -11.28 4.77 9.54
C LYS A 85 -11.97 6.11 9.33
N GLY A 86 -11.98 6.59 8.11
CA GLY A 86 -12.72 7.81 7.80
C GLY A 86 -12.82 8.05 6.34
N LYS A 87 -13.51 9.11 5.99
CA LYS A 87 -13.78 9.45 4.59
C LYS A 87 -12.54 9.97 3.86
N LEU A 88 -12.42 9.64 2.58
CA LEU A 88 -11.36 10.18 1.71
C LEU A 88 -11.57 11.68 1.51
N ASP A 89 -10.52 12.47 1.62
CA ASP A 89 -10.51 13.89 1.18
C ASP A 89 -10.41 13.92 -0.35
N GLN A 90 -10.69 15.10 -0.94
CA GLN A 90 -10.56 15.33 -2.40
C GLN A 90 -9.12 15.01 -2.85
N GLY A 91 -9.01 14.19 -3.90
CA GLY A 91 -7.71 13.82 -4.50
C GLY A 91 -6.97 12.77 -3.68
N GLU A 92 -7.44 12.41 -2.48
CA GLU A 92 -6.68 11.51 -1.58
C GLU A 92 -6.91 10.06 -2.03
N THR A 93 -5.86 9.22 -1.98
CA THR A 93 -5.97 7.77 -2.25
C THR A 93 -6.37 7.06 -0.95
N GLU A 94 -6.90 5.86 -1.11
CA GLU A 94 -7.35 5.06 0.04
C GLU A 94 -6.20 4.88 1.03
N PRO A 95 -4.99 4.43 0.65
CA PRO A 95 -3.95 4.19 1.66
C PRO A 95 -3.55 5.46 2.44
N VAL A 96 -3.45 6.58 1.74
CA VAL A 96 -3.06 7.84 2.36
C VAL A 96 -4.14 8.20 3.40
N ALA A 97 -5.43 8.04 3.04
CA ALA A 97 -6.54 8.32 3.98
C ALA A 97 -6.48 7.41 5.19
N ALA A 98 -6.20 6.13 4.99
CA ALA A 98 -6.12 5.13 6.08
C ALA A 98 -5.04 5.59 7.06
N ALA A 99 -3.87 5.95 6.56
CA ALA A 99 -2.74 6.37 7.42
C ALA A 99 -3.12 7.63 8.19
N ARG A 100 -3.75 8.60 7.52
CA ARG A 100 -4.16 9.86 8.15
C ARG A 100 -5.18 9.56 9.25
N GLU A 101 -6.16 8.71 8.96
CA GLU A 101 -7.23 8.41 9.92
C GLU A 101 -6.63 7.72 11.15
N ILE A 102 -5.69 6.81 10.95
CA ILE A 102 -5.00 6.17 12.10
C ILE A 102 -4.47 7.29 12.98
N HIS A 103 -3.78 8.26 12.39
CA HIS A 103 -3.13 9.31 13.19
C HIS A 103 -4.15 10.18 13.91
N GLU A 104 -5.19 10.57 13.19
CA GLU A 104 -6.26 11.44 13.73
C GLU A 104 -7.02 10.72 14.86
N GLU A 105 -7.33 9.45 14.69
CA GLU A 105 -8.22 8.78 15.67
C GLU A 105 -7.48 8.08 16.80
N THR A 106 -6.27 7.70 16.57
CA THR A 106 -5.49 6.95 17.58
C THR A 106 -4.27 7.71 18.09
N GLY A 107 -3.79 8.72 17.37
CA GLY A 107 -2.55 9.46 17.69
C GLY A 107 -1.30 8.65 17.35
N HIS A 108 -1.40 7.46 16.78
CA HIS A 108 -0.25 6.65 16.39
C HIS A 108 0.15 6.97 14.96
N THR A 109 1.44 6.93 14.72
CA THR A 109 1.99 6.75 13.37
C THR A 109 2.04 5.27 13.08
N ALA A 110 1.92 4.90 11.81
CA ALA A 110 1.90 3.49 11.43
C ALA A 110 2.39 3.36 9.98
N VAL A 111 2.74 2.14 9.70
CA VAL A 111 3.09 1.70 8.33
C VAL A 111 2.02 0.69 7.91
N LEU A 112 1.39 0.97 6.74
CA LEU A 112 0.42 0.00 6.21
C LEU A 112 1.14 -1.21 5.64
N GLY A 113 0.52 -2.39 5.74
CA GLY A 113 1.00 -3.64 5.15
C GLY A 113 -0.06 -4.24 4.23
N ARG A 114 -0.46 -5.44 4.51
CA ARG A 114 -1.46 -6.16 3.70
C ARG A 114 -2.81 -5.46 3.66
N ARG A 115 -3.42 -5.43 2.48
CA ARG A 115 -4.83 -5.00 2.37
C ARG A 115 -5.72 -6.15 2.89
N LEU A 116 -6.79 -5.80 3.60
CA LEU A 116 -7.75 -6.72 4.24
C LEU A 116 -9.11 -6.56 3.58
N GLY A 117 -9.14 -6.29 2.30
CA GLY A 117 -10.44 -6.30 1.61
C GLY A 117 -11.24 -5.06 1.93
N ARG A 118 -12.48 -5.12 1.48
CA ARG A 118 -13.40 -3.99 1.54
C ARG A 118 -14.70 -4.45 2.21
N VAL A 119 -15.37 -3.48 2.78
CA VAL A 119 -16.73 -3.75 3.32
C VAL A 119 -17.67 -2.69 2.81
N THR A 120 -18.93 -3.09 2.71
CA THR A 120 -20.03 -2.24 2.26
C THR A 120 -21.19 -2.45 3.24
N TYR A 121 -21.72 -1.36 3.79
CA TYR A 121 -22.92 -1.41 4.66
C TYR A 121 -23.76 -0.15 4.47
N PRO A 122 -25.08 -0.26 4.70
CA PRO A 122 -25.97 0.88 4.48
C PRO A 122 -25.78 1.91 5.60
N ILE A 123 -25.89 3.17 5.23
CA ILE A 123 -25.93 4.32 6.17
C ILE A 123 -27.13 5.17 5.76
N PRO A 124 -27.65 6.03 6.67
CA PRO A 124 -28.79 6.88 6.32
C PRO A 124 -28.62 7.57 4.95
N GLN A 125 -27.39 7.96 4.61
CA GLN A 125 -27.07 8.70 3.37
C GLN A 125 -27.03 7.74 2.18
N GLY A 126 -27.03 6.44 2.41
CA GLY A 126 -26.95 5.51 1.29
C GLY A 126 -26.05 4.31 1.61
N THR A 127 -24.86 4.29 1.02
CA THR A 127 -23.92 3.15 1.24
C THR A 127 -22.54 3.65 1.63
N LYS A 128 -22.02 3.04 2.67
CA LYS A 128 -20.61 3.25 3.14
C LYS A 128 -19.75 2.15 2.52
N ARG A 129 -18.77 2.53 1.76
CA ARG A 129 -17.73 1.53 1.28
CA ARG A 129 -17.73 1.53 1.28
C ARG A 129 -16.27 1.85 1.83
N VAL A 130 -15.75 0.86 2.57
CA VAL A 130 -14.45 1.06 3.29
C VAL A 130 -13.44 0.02 2.85
N TRP A 131 -12.24 0.47 2.46
CA TRP A 131 -11.08 -0.43 2.25
C TRP A 131 -10.23 -0.43 3.53
N TYR A 132 -9.79 -1.61 3.97
CA TYR A 132 -9.01 -1.75 5.21
C TYR A 132 -7.62 -2.30 4.93
N TRP A 133 -6.66 -1.83 5.72
CA TRP A 133 -5.26 -2.35 5.73
C TRP A 133 -4.89 -2.84 7.12
N ALA A 134 -4.02 -3.83 7.21
CA ALA A 134 -3.19 -4.06 8.40
C ALA A 134 -2.24 -2.88 8.53
N ALA A 135 -2.00 -2.40 9.74
CA ALA A 135 -1.10 -1.24 9.95
C ALA A 135 -0.32 -1.49 11.25
N LYS A 136 1.00 -1.44 11.18
CA LYS A 136 1.83 -1.64 12.39
C LYS A 136 2.16 -0.28 13.00
N SER A 137 1.81 -0.06 14.29
CA SER A 137 2.23 1.18 14.99
C SER A 137 3.76 1.32 15.01
N THR A 138 4.20 2.50 14.65
CA THR A 138 5.67 2.83 14.65
C THR A 138 5.95 3.97 15.63
N GLY A 139 4.96 4.52 16.29
CA GLY A 139 5.20 5.61 17.25
C GLY A 139 3.95 6.34 17.62
N GLY A 140 4.09 7.38 18.41
CA GLY A 140 2.95 8.17 18.88
C GLY A 140 2.29 7.51 20.07
N ASP A 141 1.09 7.98 20.36
CA ASP A 141 0.39 7.57 21.61
C ASP A 141 -1.02 8.07 21.48
N PHE A 142 -1.93 7.46 22.22
CA PHE A 142 -3.34 7.87 22.20
C PHE A 142 -3.50 9.21 22.90
N SER A 143 -4.22 10.16 22.31
CA SER A 143 -4.89 11.21 23.11
C SER A 143 -6.31 11.43 22.60
N PRO A 144 -7.24 11.71 23.50
CA PRO A 144 -8.64 11.85 23.10
C PRO A 144 -8.82 12.97 22.07
N ASN A 145 -9.75 12.76 21.15
CA ASN A 145 -10.02 13.71 20.05
C ASN A 145 -11.52 13.87 19.91
N ASP A 146 -11.92 14.63 18.90
CA ASP A 146 -13.33 15.02 18.75
C ASP A 146 -14.24 13.81 18.62
N GLU A 147 -13.75 12.75 17.99
CA GLU A 147 -14.58 11.55 17.68
C GLU A 147 -14.30 10.39 18.65
N VAL A 148 -13.14 10.39 19.31
CA VAL A 148 -12.70 9.16 20.04
C VAL A 148 -12.31 9.49 21.48
N ASP A 149 -12.90 8.84 22.48
CA ASP A 149 -12.58 9.17 23.88
C ASP A 149 -11.80 8.06 24.60
N LYS A 150 -11.79 6.85 24.04
N LYS A 150 -11.81 6.85 24.04
CA LYS A 150 -11.11 5.70 24.64
CA LYS A 150 -11.11 5.69 24.64
C LYS A 150 -10.51 4.84 23.52
C LYS A 150 -10.54 4.79 23.54
N LEU A 151 -9.35 4.26 23.80
CA LEU A 151 -8.71 3.24 22.97
C LEU A 151 -8.24 2.11 23.86
N VAL A 152 -8.47 0.89 23.47
CA VAL A 152 -7.96 -0.31 24.16
C VAL A 152 -7.09 -1.09 23.18
N TRP A 153 -6.05 -1.69 23.69
CA TRP A 153 -5.15 -2.62 23.00
C TRP A 153 -5.44 -4.04 23.47
N LEU A 154 -5.86 -4.92 22.59
CA LEU A 154 -6.36 -6.26 22.95
C LEU A 154 -5.71 -7.32 22.08
N PRO A 155 -5.40 -8.51 22.64
CA PRO A 155 -5.19 -9.68 21.82
C PRO A 155 -6.40 -9.91 20.92
N VAL A 156 -6.18 -10.51 19.76
CA VAL A 156 -7.19 -10.61 18.67
C VAL A 156 -8.48 -11.25 19.18
N ASP A 157 -8.40 -12.27 20.04
CA ASP A 157 -9.67 -12.93 20.46
C ASP A 157 -10.52 -11.97 21.28
N ALA A 158 -9.88 -11.23 22.16
CA ALA A 158 -10.56 -10.22 22.98
C ALA A 158 -11.08 -9.08 22.10
N ALA A 159 -10.32 -8.68 21.07
CA ALA A 159 -10.75 -7.59 20.16
C ALA A 159 -12.00 -8.04 19.39
N MET A 160 -12.07 -9.31 18.96
CA MET A 160 -13.24 -9.84 18.21
C MET A 160 -14.51 -9.64 19.07
N ASP A 161 -14.39 -9.87 20.39
CA ASP A 161 -15.53 -9.75 21.36
C ASP A 161 -15.88 -8.28 21.59
N GLN A 162 -14.89 -7.39 21.50
N GLN A 162 -14.90 -7.38 21.52
CA GLN A 162 -15.04 -5.94 21.77
CA GLN A 162 -15.11 -5.93 21.77
C GLN A 162 -15.71 -5.26 20.56
C GLN A 162 -15.76 -5.27 20.56
N LEU A 163 -15.40 -5.73 19.36
CA LEU A 163 -15.97 -5.16 18.12
C LEU A 163 -17.43 -5.56 18.02
N GLN A 164 -18.28 -4.59 17.89
CA GLN A 164 -19.72 -4.91 17.85
C GLN A 164 -20.28 -4.99 16.42
N TYR A 165 -19.60 -4.45 15.42
CA TYR A 165 -20.17 -4.47 14.06
C TYR A 165 -19.72 -5.70 13.28
N PRO A 166 -20.66 -6.39 12.61
CA PRO A 166 -20.28 -7.53 11.81
C PRO A 166 -19.16 -7.28 10.78
N ASP A 167 -19.18 -6.14 10.11
CA ASP A 167 -18.19 -5.87 9.04
C ASP A 167 -16.81 -5.66 9.67
N ASP A 168 -16.71 -5.03 10.86
CA ASP A 168 -15.40 -4.97 11.54
C ASP A 168 -14.90 -6.36 11.92
N ARG A 169 -15.73 -7.27 12.41
CA ARG A 169 -15.24 -8.61 12.78
C ARG A 169 -14.80 -9.36 11.51
N LYS A 170 -15.46 -9.12 10.39
CA LYS A 170 -15.06 -9.76 9.10
C LYS A 170 -13.64 -9.30 8.78
N VAL A 171 -13.36 -8.02 8.93
CA VAL A 171 -12.00 -7.45 8.68
C VAL A 171 -11.00 -8.06 9.65
N LEU A 172 -11.34 -8.17 10.93
CA LEU A 172 -10.38 -8.73 11.89
C LEU A 172 -10.11 -10.20 11.57
N ARG A 173 -11.12 -10.95 11.10
N ARG A 173 -11.11 -10.96 11.09
CA ARG A 173 -10.91 -12.35 10.65
CA ARG A 173 -10.86 -12.37 10.68
C ARG A 173 -9.90 -12.36 9.49
C ARG A 173 -9.95 -12.42 9.45
N ARG A 174 -9.99 -11.39 8.60
CA ARG A 174 -9.07 -11.36 7.43
C ARG A 174 -7.65 -11.09 7.95
N PHE A 175 -7.54 -10.24 8.95
CA PHE A 175 -6.23 -9.88 9.56
C PHE A 175 -5.55 -11.11 10.13
N VAL A 176 -6.28 -11.93 10.89
CA VAL A 176 -5.62 -13.06 11.61
C VAL A 176 -5.33 -14.23 10.66
N LYS A 177 -5.92 -14.27 9.46
CA LYS A 177 -5.82 -15.41 8.50
CA LYS A 177 -5.82 -15.43 8.53
C LYS A 177 -4.38 -15.58 8.00
N ARG A 178 -3.61 -14.49 7.90
N ARG A 178 -3.61 -14.49 7.90
CA ARG A 178 -2.23 -14.54 7.35
CA ARG A 178 -2.23 -14.53 7.35
C ARG A 178 -1.30 -13.67 8.20
C ARG A 178 -1.30 -13.67 8.21
N PRO A 179 0.03 -13.86 8.15
CA PRO A 179 0.96 -13.03 8.89
C PRO A 179 0.75 -11.53 8.67
N VAL A 180 1.02 -10.74 9.72
CA VAL A 180 0.86 -9.26 9.64
C VAL A 180 2.22 -8.57 9.85
N ASP A 181 3.24 -9.23 10.38
CA ASP A 181 4.55 -8.59 10.58
C ASP A 181 5.34 -8.74 9.29
N THR A 182 4.96 -8.00 8.26
CA THR A 182 5.36 -8.28 6.87
C THR A 182 6.33 -7.20 6.44
N LYS A 183 7.09 -7.55 5.42
CA LYS A 183 7.88 -6.53 4.71
C LYS A 183 7.18 -6.32 3.37
N THR A 184 7.56 -5.25 2.69
CA THR A 184 6.73 -4.80 1.57
C THR A 184 7.61 -4.44 0.39
N VAL A 185 7.30 -5.01 -0.75
CA VAL A 185 7.91 -4.66 -2.04
C VAL A 185 6.84 -3.90 -2.82
N LEU A 186 7.19 -2.73 -3.31
CA LEU A 186 6.25 -1.80 -3.97
C LEU A 186 6.64 -1.72 -5.43
N VAL A 187 5.88 -2.38 -6.30
CA VAL A 187 6.21 -2.43 -7.74
C VAL A 187 5.35 -1.39 -8.46
N VAL A 188 5.97 -0.40 -9.01
CA VAL A 188 5.31 0.81 -9.56
C VAL A 188 5.52 0.86 -11.06
N ARG A 189 4.44 1.02 -11.79
CA ARG A 189 4.59 1.37 -13.23
C ARG A 189 4.81 2.88 -13.35
N HIS A 190 5.83 3.28 -14.13
CA HIS A 190 6.19 4.69 -14.29
C HIS A 190 4.96 5.46 -14.74
N GLY A 191 4.99 6.74 -14.44
CA GLY A 191 3.90 7.66 -14.80
C GLY A 191 3.86 7.98 -16.30
N THR A 192 2.82 8.69 -16.68
CA THR A 192 2.57 9.01 -18.11
C THR A 192 3.75 9.80 -18.70
N ALA A 193 4.15 9.46 -19.93
CA ALA A 193 5.39 9.97 -20.54
C ALA A 193 5.17 10.21 -22.03
N GLY A 194 3.95 10.54 -22.43
CA GLY A 194 3.62 10.79 -23.85
C GLY A 194 3.71 9.55 -24.71
N ARG A 195 3.96 9.75 -25.99
CA ARG A 195 3.96 8.64 -26.98
C ARG A 195 5.35 8.37 -27.55
N ARG A 196 5.69 7.09 -27.72
CA ARG A 196 6.95 6.67 -28.41
C ARG A 196 7.02 7.34 -29.79
N SER A 197 5.93 7.18 -30.56
CA SER A 197 5.75 7.66 -31.97
C SER A 197 6.17 9.12 -32.13
N ARG A 198 5.74 9.97 -31.17
CA ARG A 198 5.85 11.44 -31.25
C ARG A 198 7.08 11.93 -30.45
N TYR A 199 8.08 11.07 -30.23
CA TYR A 199 9.35 11.46 -29.57
C TYR A 199 10.51 11.31 -30.58
N LYS A 200 11.23 12.42 -30.82
CA LYS A 200 12.55 12.46 -31.51
C LYS A 200 13.62 12.51 -30.41
N GLY A 201 14.58 11.57 -30.46
CA GLY A 201 15.59 11.31 -29.42
C GLY A 201 15.61 9.83 -29.08
N ASP A 202 16.58 9.42 -28.28
CA ASP A 202 16.66 8.01 -27.86
C ASP A 202 15.42 7.81 -26.97
N ASP A 203 14.61 6.82 -27.29
CA ASP A 203 13.34 6.62 -26.55
C ASP A 203 13.64 6.32 -25.07
N ARG A 204 14.82 5.86 -24.83
CA ARG A 204 15.19 5.63 -23.41
C ARG A 204 15.20 6.98 -22.68
N LYS A 205 15.42 8.08 -23.35
CA LYS A 205 15.47 9.34 -22.61
C LYS A 205 14.10 10.00 -22.50
N ARG A 206 13.06 9.37 -23.00
CA ARG A 206 11.71 9.98 -23.04
C ARG A 206 11.26 10.31 -21.61
N PRO A 207 11.01 11.59 -21.29
CA PRO A 207 10.70 11.99 -19.94
C PRO A 207 9.19 11.91 -19.64
N LEU A 208 8.87 11.92 -18.33
CA LEU A 208 7.47 12.04 -17.90
C LEU A 208 6.93 13.32 -18.55
N ASP A 209 5.65 13.27 -18.88
CA ASP A 209 4.88 14.48 -19.22
C ASP A 209 4.32 15.15 -17.96
N LYS A 210 3.60 16.27 -18.15
CA LYS A 210 3.14 17.02 -16.97
C LYS A 210 2.30 16.16 -16.03
N ARG A 211 1.37 15.42 -16.58
CA ARG A 211 0.49 14.52 -15.79
C ARG A 211 1.40 13.50 -15.08
N GLY A 212 2.40 12.96 -15.76
CA GLY A 212 3.28 11.95 -15.13
C GLY A 212 4.11 12.55 -14.01
N ARG A 213 4.55 13.79 -14.20
CA ARG A 213 5.30 14.49 -13.11
C ARG A 213 4.39 14.68 -11.90
N ALA A 214 3.12 14.95 -12.12
CA ALA A 214 2.14 15.10 -11.03
C ALA A 214 1.89 13.73 -10.38
N GLN A 215 1.83 12.64 -11.16
CA GLN A 215 1.69 11.27 -10.60
C GLN A 215 2.89 11.05 -9.71
N ALA A 216 4.09 11.41 -10.16
CA ALA A 216 5.35 11.13 -9.41
C ALA A 216 5.30 11.85 -8.06
N GLU A 217 4.82 13.08 -8.03
CA GLU A 217 4.68 13.86 -6.77
C GLU A 217 3.63 13.18 -5.88
N ALA A 218 2.53 12.69 -6.43
CA ALA A 218 1.41 12.10 -5.66
C ALA A 218 1.79 10.70 -5.09
N LEU A 219 2.69 10.00 -5.76
CA LEU A 219 3.21 8.72 -5.27
C LEU A 219 4.00 8.91 -4.01
N VAL A 220 4.53 10.08 -3.65
CA VAL A 220 5.37 10.17 -2.43
C VAL A 220 4.50 9.79 -1.23
N ALA A 221 3.31 10.36 -1.06
CA ALA A 221 2.49 10.10 0.14
C ALA A 221 2.02 8.64 0.06
N GLN A 222 1.68 8.26 -1.15
CA GLN A 222 1.23 6.78 -1.28
CA GLN A 222 1.28 6.85 -1.31
C GLN A 222 2.29 5.72 -0.88
N LEU A 223 3.53 5.99 -1.29
CA LEU A 223 4.55 4.96 -1.04
C LEU A 223 5.12 5.11 0.37
N MET A 224 5.05 6.31 0.93
N MET A 224 5.05 6.32 0.93
CA MET A 224 5.51 6.46 2.33
CA MET A 224 5.51 6.50 2.33
C MET A 224 4.47 5.86 3.28
C MET A 224 4.48 5.87 3.27
N ALA A 225 3.22 5.76 2.84
CA ALA A 225 2.16 5.13 3.69
C ALA A 225 2.58 3.68 3.97
N PHE A 226 3.29 3.05 3.03
CA PHE A 226 3.76 1.64 3.15
C PHE A 226 5.20 1.59 3.67
N GLY A 227 5.75 2.70 4.15
CA GLY A 227 7.11 2.68 4.69
C GLY A 227 8.17 2.29 3.71
N ALA A 228 8.08 2.82 2.49
CA ALA A 228 9.15 2.65 1.50
C ALA A 228 10.48 3.12 2.09
N THR A 229 11.56 2.40 1.84
CA THR A 229 12.89 2.86 2.35
C THR A 229 13.98 2.80 1.30
N THR A 230 13.86 2.00 0.26
CA THR A 230 14.96 1.88 -0.72
C THR A 230 14.35 1.92 -2.11
N LEU A 231 15.13 2.33 -3.10
CA LEU A 231 14.61 2.74 -4.41
C LEU A 231 15.37 2.07 -5.53
N TYR A 232 14.65 1.55 -6.50
CA TYR A 232 15.17 0.81 -7.66
C TYR A 232 14.34 1.28 -8.87
N ALA A 233 14.98 1.50 -10.01
CA ALA A 233 14.27 1.84 -11.25
C ALA A 233 14.92 1.12 -12.41
N ALA A 234 14.13 0.60 -13.29
CA ALA A 234 14.58 0.15 -14.63
C ALA A 234 15.34 1.30 -15.29
N ASP A 235 16.25 0.92 -16.19
CA ASP A 235 17.22 1.82 -16.86
C ASP A 235 16.53 2.66 -17.94
N ARG A 236 15.48 3.39 -17.56
CA ARG A 236 14.74 4.32 -18.44
C ARG A 236 14.51 5.62 -17.66
N VAL A 237 14.67 6.78 -18.31
CA VAL A 237 14.49 8.08 -17.63
C VAL A 237 13.09 8.15 -17.00
N ARG A 238 12.07 7.72 -17.72
CA ARG A 238 10.68 7.85 -17.23
C ARG A 238 10.46 7.00 -15.95
N CYS A 239 11.19 5.91 -15.78
CA CYS A 239 11.15 5.10 -14.53
C CYS A 239 11.86 5.84 -13.41
N HIS A 240 13.02 6.40 -13.69
N HIS A 240 13.02 6.39 -13.68
CA HIS A 240 13.74 7.12 -12.61
CA HIS A 240 13.77 7.13 -12.64
C HIS A 240 12.93 8.35 -12.17
C HIS A 240 12.96 8.36 -12.19
N GLN A 241 12.38 9.07 -13.14
CA GLN A 241 11.70 10.35 -12.80
C GLN A 241 10.46 10.07 -11.93
N THR A 242 9.85 8.91 -12.12
CA THR A 242 8.66 8.56 -11.31
C THR A 242 8.98 8.49 -9.83
N ILE A 243 10.19 8.10 -9.46
CA ILE A 243 10.50 7.98 -8.02
C ILE A 243 11.55 8.99 -7.61
N GLU A 244 11.83 9.91 -8.51
CA GLU A 244 12.71 11.06 -8.12
CA GLU A 244 12.72 11.04 -8.10
C GLU A 244 12.20 11.95 -6.90
N PRO A 245 10.89 12.24 -6.89
CA PRO A 245 10.31 12.99 -5.77
C PRO A 245 10.41 12.20 -4.45
N LEU A 246 10.20 10.89 -4.53
CA LEU A 246 10.31 10.03 -3.33
C LEU A 246 11.79 10.01 -2.92
N ALA A 247 12.71 9.93 -3.87
CA ALA A 247 14.16 9.94 -3.56
C ALA A 247 14.50 11.22 -2.80
N GLN A 248 13.93 12.34 -3.20
CA GLN A 248 14.23 13.60 -2.48
C GLN A 248 13.61 13.55 -1.08
N GLU A 249 12.40 13.05 -0.95
CA GLU A 249 11.72 12.98 0.37
C GLU A 249 12.52 12.08 1.32
N LEU A 250 13.02 10.93 0.85
CA LEU A 250 13.80 9.97 1.68
C LEU A 250 15.27 10.40 1.78
N ASP A 251 15.74 11.32 0.93
CA ASP A 251 17.18 11.60 0.71
C ASP A 251 17.91 10.26 0.49
N GLN A 252 17.54 9.55 -0.58
N GLN A 252 17.41 9.45 -0.46
CA GLN A 252 17.95 8.16 -0.89
CA GLN A 252 17.98 8.13 -0.86
C GLN A 252 18.25 8.06 -2.38
C GLN A 252 18.35 8.17 -2.35
N LEU A 253 19.27 7.30 -2.76
CA LEU A 253 19.66 7.18 -4.18
C LEU A 253 18.80 6.09 -4.83
N ILE A 254 18.58 6.22 -6.13
CA ILE A 254 17.87 5.20 -6.93
C ILE A 254 18.90 4.25 -7.55
N HIS A 255 18.75 2.96 -7.32
CA HIS A 255 19.63 1.93 -7.93
C HIS A 255 19.07 1.62 -9.33
N ASN A 256 19.90 1.76 -10.35
CA ASN A 256 19.50 1.48 -11.74
C ASN A 256 19.45 -0.03 -11.97
N GLU A 257 18.43 -0.50 -12.70
CA GLU A 257 18.16 -1.93 -12.92
C GLU A 257 18.10 -2.23 -14.41
N PRO A 258 19.23 -2.55 -15.06
CA PRO A 258 19.20 -2.93 -16.46
C PRO A 258 18.43 -4.21 -16.75
N LEU A 259 18.28 -5.14 -15.80
CA LEU A 259 17.55 -6.40 -16.05
C LEU A 259 16.02 -6.20 -16.10
N LEU A 260 15.50 -5.04 -15.67
CA LEU A 260 14.04 -4.91 -15.48
C LEU A 260 13.42 -3.97 -16.53
N THR A 261 14.13 -3.68 -17.60
CA THR A 261 13.54 -3.01 -18.76
C THR A 261 12.67 -3.98 -19.59
N GLU A 262 11.83 -3.43 -20.41
CA GLU A 262 11.00 -4.31 -21.25
C GLU A 262 11.89 -5.18 -22.15
N GLU A 263 12.88 -4.58 -22.80
CA GLU A 263 13.79 -5.32 -23.72
C GLU A 263 14.52 -6.41 -22.96
N ALA A 264 15.11 -6.09 -21.80
CA ALA A 264 15.81 -7.11 -21.01
C ALA A 264 14.86 -8.20 -20.53
N TYR A 265 13.70 -7.81 -20.00
CA TYR A 265 12.70 -8.78 -19.52
C TYR A 265 12.28 -9.72 -20.65
N ALA A 266 11.98 -9.16 -21.82
CA ALA A 266 11.45 -9.93 -22.97
C ALA A 266 12.48 -10.98 -23.38
N ALA A 267 13.76 -10.68 -23.28
CA ALA A 267 14.82 -11.61 -23.74
C ALA A 267 15.27 -12.57 -22.64
N ASP A 268 15.06 -12.24 -21.37
CA ASP A 268 15.59 -13.05 -20.24
C ASP A 268 14.72 -12.78 -19.00
N HIS A 269 13.58 -13.44 -18.95
N HIS A 269 13.57 -13.43 -19.01
CA HIS A 269 12.63 -13.25 -17.83
CA HIS A 269 12.59 -13.46 -17.88
C HIS A 269 13.15 -13.99 -16.58
C HIS A 269 13.27 -13.91 -16.61
N LYS A 270 13.99 -15.02 -16.71
CA LYS A 270 14.58 -15.67 -15.51
C LYS A 270 15.54 -14.74 -14.77
N ALA A 271 16.40 -14.01 -15.47
CA ALA A 271 17.34 -13.05 -14.85
C ALA A 271 16.52 -11.97 -14.10
N ALA A 272 15.40 -11.53 -14.66
CA ALA A 272 14.57 -10.48 -14.04
C ALA A 272 13.88 -11.02 -12.79
N ARG A 273 13.36 -12.24 -12.84
CA ARG A 273 12.73 -12.88 -11.66
C ARG A 273 13.77 -13.06 -10.54
N LYS A 274 14.96 -13.52 -10.88
CA LYS A 274 16.01 -13.70 -9.85
C LYS A 274 16.36 -12.33 -9.24
N ARG A 275 16.43 -11.29 -10.05
CA ARG A 275 16.82 -9.96 -9.54
C ARG A 275 15.71 -9.44 -8.60
N LEU A 276 14.44 -9.64 -8.96
CA LEU A 276 13.31 -9.24 -8.11
C LEU A 276 13.43 -9.92 -6.74
N LEU A 277 13.69 -11.22 -6.70
CA LEU A 277 13.79 -11.95 -5.41
C LEU A 277 15.00 -11.47 -4.63
N GLU A 278 16.09 -11.14 -5.30
CA GLU A 278 17.29 -10.65 -4.60
C GLU A 278 16.97 -9.28 -3.97
N ILE A 279 16.34 -8.38 -4.72
CA ILE A 279 16.00 -7.05 -4.17
C ILE A 279 15.07 -7.24 -2.97
N ALA A 280 14.08 -8.11 -3.11
CA ALA A 280 13.08 -8.44 -2.05
C ALA A 280 13.72 -9.02 -0.79
N GLY A 281 14.86 -9.67 -0.92
CA GLY A 281 15.55 -10.31 0.23
C GLY A 281 16.35 -9.33 1.06
N ARG A 282 16.67 -8.15 0.54
CA ARG A 282 17.51 -7.14 1.23
C ARG A 282 16.70 -6.43 2.31
N PRO A 283 17.35 -5.89 3.36
CA PRO A 283 16.62 -5.23 4.43
C PRO A 283 15.92 -3.99 3.86
N GLY A 284 14.74 -3.71 4.40
CA GLY A 284 14.00 -2.50 4.04
C GLY A 284 12.83 -2.85 3.15
N ASN A 285 12.10 -1.82 2.78
CA ASN A 285 10.90 -1.98 1.92
C ASN A 285 11.26 -1.29 0.60
N PRO A 286 11.60 -2.07 -0.44
CA PRO A 286 12.04 -1.48 -1.71
C PRO A 286 10.89 -1.06 -2.62
N VAL A 287 11.09 0.06 -3.29
CA VAL A 287 10.28 0.50 -4.44
C VAL A 287 11.01 0.09 -5.71
N ILE A 288 10.32 -0.58 -6.61
CA ILE A 288 10.89 -0.98 -7.92
C ILE A 288 9.99 -0.35 -8.98
N CYS A 289 10.49 0.62 -9.74
CA CYS A 289 9.73 1.30 -10.81
C CYS A 289 10.15 0.75 -12.18
N THR A 290 9.22 0.18 -12.87
CA THR A 290 9.48 -0.45 -14.17
C THR A 290 8.34 -0.19 -15.13
N GLN A 291 8.19 -1.09 -16.10
CA GLN A 291 7.41 -0.83 -17.33
C GLN A 291 6.25 -1.81 -17.50
N GLY A 292 5.31 -1.36 -18.33
CA GLY A 292 4.03 -2.05 -18.52
C GLY A 292 4.17 -3.46 -19.02
N LYS A 293 5.20 -3.77 -19.81
CA LYS A 293 5.32 -5.14 -20.35
C LYS A 293 6.15 -6.02 -19.42
N VAL A 294 6.60 -5.45 -18.32
CA VAL A 294 7.38 -6.21 -17.32
C VAL A 294 6.51 -6.62 -16.15
N ILE A 295 5.71 -5.69 -15.66
CA ILE A 295 5.03 -5.88 -14.36
C ILE A 295 4.06 -7.06 -14.39
N PRO A 296 3.09 -7.18 -15.34
CA PRO A 296 2.13 -8.28 -15.28
C PRO A 296 2.84 -9.63 -15.17
N GLY A 297 3.90 -9.82 -15.97
CA GLY A 297 4.65 -11.07 -15.95
C GLY A 297 5.22 -11.39 -14.57
N LEU A 298 5.88 -10.42 -13.96
CA LEU A 298 6.49 -10.64 -12.64
C LEU A 298 5.42 -10.91 -11.60
N ILE A 299 4.36 -10.11 -11.57
CA ILE A 299 3.31 -10.25 -10.53
C ILE A 299 2.64 -11.61 -10.69
N GLU A 300 2.23 -11.94 -11.90
CA GLU A 300 1.49 -13.21 -12.12
C GLU A 300 2.37 -14.40 -11.74
N TRP A 301 3.64 -14.33 -12.10
CA TRP A 301 4.58 -15.44 -11.80
C TRP A 301 4.65 -15.62 -10.28
N TRP A 302 4.85 -14.53 -9.56
CA TRP A 302 5.01 -14.66 -8.09
C TRP A 302 3.69 -15.10 -7.45
N CYS A 303 2.58 -14.57 -7.91
CA CYS A 303 1.30 -14.99 -7.30
C CYS A 303 1.03 -16.47 -7.57
N GLU A 304 1.34 -16.95 -8.77
CA GLU A 304 1.10 -18.39 -9.03
C GLU A 304 2.00 -19.25 -8.14
N ARG A 305 3.24 -18.86 -8.01
CA ARG A 305 4.20 -19.63 -7.21
C ARG A 305 3.80 -19.69 -5.73
N ALA A 306 3.26 -18.61 -5.18
CA ALA A 306 2.93 -18.55 -3.75
C ALA A 306 1.47 -18.91 -3.50
N LYS A 307 0.71 -19.11 -4.57
CA LYS A 307 -0.74 -19.38 -4.44
C LYS A 307 -1.42 -18.17 -3.79
N VAL A 308 -1.11 -16.99 -4.28
CA VAL A 308 -1.73 -15.75 -3.73
C VAL A 308 -2.70 -15.23 -4.78
N ARG A 309 -3.92 -14.90 -4.39
CA ARG A 309 -4.92 -14.41 -5.38
C ARG A 309 -5.15 -12.92 -5.17
N PRO A 310 -4.79 -12.07 -6.13
CA PRO A 310 -5.00 -10.64 -5.98
C PRO A 310 -6.50 -10.34 -5.99
N GLU A 311 -6.97 -9.48 -5.09
CA GLU A 311 -8.40 -9.10 -5.07
C GLU A 311 -8.70 -8.13 -6.21
N THR A 312 -7.76 -7.26 -6.56
CA THR A 312 -7.88 -6.28 -7.64
C THR A 312 -6.72 -6.47 -8.62
N THR A 313 -6.89 -5.92 -9.82
CA THR A 313 -5.81 -6.01 -10.82
C THR A 313 -5.91 -4.89 -11.83
N GLY A 314 -4.80 -4.66 -12.46
CA GLY A 314 -4.67 -3.61 -13.49
C GLY A 314 -3.21 -3.46 -13.79
N ASN A 315 -2.87 -2.45 -14.61
CA ASN A 315 -1.48 -2.23 -15.03
C ASN A 315 -1.29 -0.78 -15.45
N ARG A 316 -2.01 0.16 -14.88
CA ARG A 316 -2.02 1.54 -15.40
C ARG A 316 -0.69 2.21 -15.09
N LYS A 317 -0.32 3.20 -15.89
CA LYS A 317 0.83 4.06 -15.60
C LYS A 317 0.57 4.74 -14.28
N GLY A 318 1.54 4.65 -13.35
CA GLY A 318 1.38 5.29 -12.04
C GLY A 318 0.81 4.35 -10.99
N SER A 319 0.40 3.16 -11.37
CA SER A 319 -0.19 2.16 -10.45
C SER A 319 0.91 1.53 -9.61
N THR A 320 0.52 0.92 -8.51
CA THR A 320 1.43 0.28 -7.54
C THR A 320 0.89 -1.10 -7.18
N TRP A 321 1.71 -2.12 -7.23
CA TRP A 321 1.47 -3.42 -6.60
C TRP A 321 2.15 -3.44 -5.23
N VAL A 322 1.40 -3.65 -4.18
CA VAL A 322 1.92 -3.85 -2.80
C VAL A 322 2.10 -5.34 -2.55
N LEU A 323 3.33 -5.80 -2.56
CA LEU A 323 3.66 -7.21 -2.33
C LEU A 323 4.07 -7.39 -0.88
N SER A 324 3.29 -8.14 -0.11
CA SER A 324 3.58 -8.35 1.35
C SER A 324 4.27 -9.71 1.51
N LEU A 325 5.43 -9.67 2.13
CA LEU A 325 6.26 -10.89 2.36
C LEU A 325 6.37 -11.15 3.87
N SER A 326 6.36 -12.44 4.17
CA SER A 326 6.60 -12.92 5.54
C SER A 326 7.60 -14.08 5.47
N ASP A 327 8.79 -13.87 6.03
CA ASP A 327 9.86 -14.90 6.04
C ASP A 327 10.11 -15.37 4.60
N GLY A 328 10.17 -14.42 3.66
CA GLY A 328 10.50 -14.68 2.25
C GLY A 328 9.35 -15.19 1.42
N GLU A 329 8.17 -15.39 2.00
CA GLU A 329 7.00 -15.90 1.25
C GLU A 329 6.00 -14.78 0.98
N LEU A 330 5.52 -14.70 -0.25
CA LEU A 330 4.49 -13.73 -0.63
C LEU A 330 3.19 -14.13 0.06
N VAL A 331 2.56 -13.21 0.80
CA VAL A 331 1.26 -13.44 1.46
C VAL A 331 0.21 -12.45 1.00
N GLY A 332 0.54 -11.47 0.15
CA GLY A 332 -0.43 -10.52 -0.34
C GLY A 332 0.07 -9.83 -1.59
N ALA A 333 -0.86 -9.57 -2.50
CA ALA A 333 -0.54 -8.85 -3.75
C ALA A 333 -1.69 -7.88 -4.02
N ASP A 334 -1.52 -6.63 -3.69
CA ASP A 334 -2.60 -5.61 -3.68
C ASP A 334 -2.35 -4.57 -4.76
N TYR A 335 -3.22 -4.52 -5.76
CA TYR A 335 -3.09 -3.51 -6.83
C TYR A 335 -3.79 -2.22 -6.44
N LEU A 336 -3.04 -1.12 -6.48
CA LEU A 336 -3.50 0.27 -6.25
C LEU A 336 -3.50 1.03 -7.58
N SER A 337 -4.64 1.67 -7.84
N SER A 337 -4.65 1.62 -7.90
CA SER A 337 -4.84 2.57 -8.99
CA SER A 337 -4.78 2.45 -9.12
C SER A 337 -3.80 3.68 -8.99
C SER A 337 -3.83 3.64 -9.01
N PRO A 338 -3.53 4.32 -10.13
CA PRO A 338 -2.74 5.53 -10.10
C PRO A 338 -3.40 6.54 -9.18
N PRO A 339 -2.62 7.45 -8.57
CA PRO A 339 -3.13 8.33 -7.54
C PRO A 339 -4.14 9.34 -8.10
N ASP A 340 -4.17 9.51 -9.42
CA ASP A 340 -5.08 10.48 -10.08
C ASP A 340 -6.23 9.76 -10.79
N GLU A 341 -6.47 8.49 -10.46
CA GLU A 341 -7.60 7.69 -11.02
C GLU A 341 -8.40 7.04 -9.88
N LYS A 342 -9.67 6.70 -10.12
CA LYS A 342 -10.48 5.98 -9.09
C LYS A 342 -9.72 4.72 -8.66
#